data_7R2Z
#
_entry.id   7R2Z
#
_cell.length_a   60.802
_cell.length_b   60.802
_cell.length_c   78.435
_cell.angle_alpha   90.00
_cell.angle_beta   90.00
_cell.angle_gamma   120.00
#
_symmetry.space_group_name_H-M   'P 32'
#
loop_
_entity.id
_entity.type
_entity.pdbx_description
1 polymer 'Membrane-associated protein slr1513'
2 non-polymer "ADENOSINE-5'-DIPHOSPHATE"
3 non-polymer "ADENOSINE-5'-TRIPHOSPHATE"
4 water water
#
_entity_poly.entity_id   1
_entity_poly.type   'polypeptide(L)'
_entity_poly.pdbx_seq_one_letter_code
;MAKPANKLVIVTEKILLKKIAKIIDESGAKGYTVMNTGGKGSRNVRSSGQPNTSDIEANIKFEILTETREMAEEIADRVA
VKYFNDYAGIIYICSAEVLYGHTFCGPEGCSAWSHPQFEK
;
_entity_poly.pdbx_strand_id   A,B,C
#
loop_
_chem_comp.id
_chem_comp.type
_chem_comp.name
_chem_comp.formula
ADP non-polymer ADENOSINE-5'-DIPHOSPHATE 'C10 H15 N5 O10 P2'
ATP non-polymer ADENOSINE-5'-TRIPHOSPHATE 'C10 H16 N5 O13 P3'
#
# COMPACT_ATOMS: atom_id res chain seq x y z
N ALA A 2 -17.11 5.31 -7.31
CA ALA A 2 -15.90 4.46 -7.17
C ALA A 2 -15.95 3.24 -8.09
N LYS A 3 -14.87 3.00 -8.79
CA LYS A 3 -14.77 1.91 -9.73
C LYS A 3 -13.92 0.81 -9.09
N PRO A 4 -14.49 -0.39 -8.89
CA PRO A 4 -13.68 -1.47 -8.37
C PRO A 4 -12.38 -1.62 -9.14
N ALA A 5 -11.34 -1.98 -8.41
CA ALA A 5 -10.05 -2.19 -9.01
C ALA A 5 -9.35 -3.22 -8.23
N ASN A 6 -8.36 -3.80 -8.83
CA ASN A 6 -7.48 -4.65 -8.12
C ASN A 6 -6.22 -3.87 -8.03
N LYS A 7 -5.66 -3.77 -6.83
CA LYS A 7 -4.38 -3.20 -6.66
C LYS A 7 -3.49 -4.41 -6.72
N LEU A 8 -2.85 -4.60 -7.85
CA LEU A 8 -1.82 -5.59 -7.99
C LEU A 8 -0.59 -5.00 -7.43
N VAL A 9 0.04 -5.68 -6.51
CA VAL A 9 1.32 -5.22 -6.00
C VAL A 9 2.39 -6.21 -6.34
N ILE A 10 3.43 -5.74 -6.94
CA ILE A 10 4.52 -6.58 -7.31
C ILE A 10 5.69 -6.02 -6.56
N VAL A 11 6.21 -6.76 -5.62
CA VAL A 11 7.45 -6.37 -5.04
C VAL A 11 8.51 -7.29 -5.58
N THR A 12 9.54 -6.73 -6.14
CA THR A 12 10.54 -7.56 -6.76
C THR A 12 11.79 -6.79 -6.92
N GLU A 13 12.75 -7.37 -7.58
CA GLU A 13 14.04 -6.74 -7.61
C GLU A 13 14.01 -5.54 -8.50
N LYS A 14 14.72 -4.51 -8.05
CA LYS A 14 14.78 -3.23 -8.71
C LYS A 14 15.12 -3.40 -10.16
N ILE A 15 16.04 -4.32 -10.45
CA ILE A 15 16.50 -4.50 -11.82
C ILE A 15 15.37 -4.90 -12.79
N LEU A 16 14.28 -5.45 -12.26
CA LEU A 16 13.16 -5.82 -13.12
C LEU A 16 12.23 -4.67 -13.42
N LEU A 17 12.55 -3.48 -12.91
CA LEU A 17 11.65 -2.37 -13.04
C LEU A 17 11.13 -2.16 -14.47
N LYS A 18 12.06 -2.03 -15.41
CA LYS A 18 11.68 -1.74 -16.76
C LYS A 18 11.01 -2.95 -17.34
N LYS A 19 11.50 -4.12 -16.98
CA LYS A 19 10.96 -5.34 -17.51
C LYS A 19 9.52 -5.51 -17.09
N ILE A 20 9.25 -5.22 -15.83
CA ILE A 20 7.91 -5.32 -15.30
C ILE A 20 7.01 -4.17 -15.75
N ALA A 21 7.54 -2.97 -15.79
CA ALA A 21 6.80 -1.88 -16.36
C ALA A 21 6.34 -2.27 -17.73
N LYS A 22 7.19 -2.92 -18.52
CA LYS A 22 6.82 -3.25 -19.89
C LYS A 22 5.64 -4.21 -19.84
N ILE A 23 5.72 -5.18 -18.94
CA ILE A 23 4.65 -6.15 -18.79
C ILE A 23 3.39 -5.44 -18.40
N ILE A 24 3.52 -4.51 -17.48
CA ILE A 24 2.36 -3.77 -17.03
C ILE A 24 1.78 -2.99 -18.19
N ASP A 25 2.63 -2.28 -18.92
CA ASP A 25 2.19 -1.50 -20.04
C ASP A 25 1.50 -2.38 -21.03
N GLU A 26 2.10 -3.55 -21.30
CA GLU A 26 1.58 -4.52 -22.26
C GLU A 26 0.29 -5.17 -21.84
N SER A 27 0.04 -5.24 -20.55
CA SER A 27 -1.21 -5.80 -20.02
C SER A 27 -2.45 -4.92 -20.28
N GLY A 28 -2.22 -3.69 -20.68
CA GLY A 28 -3.31 -2.74 -20.86
C GLY A 28 -3.77 -2.20 -19.53
N ALA A 29 -2.99 -2.43 -18.48
CA ALA A 29 -3.13 -1.67 -17.25
C ALA A 29 -2.87 -0.20 -17.59
N LYS A 30 -3.67 0.67 -16.99
CA LYS A 30 -3.71 2.06 -17.42
C LYS A 30 -2.51 2.81 -16.91
N GLY A 31 -1.86 2.24 -15.92
CA GLY A 31 -0.68 2.80 -15.39
C GLY A 31 -0.25 1.96 -14.24
N TYR A 32 0.74 2.45 -13.52
CA TYR A 32 1.25 1.77 -12.38
C TYR A 32 2.00 2.76 -11.58
N THR A 33 2.23 2.39 -10.36
CA THR A 33 2.96 3.22 -9.47
C THR A 33 4.06 2.30 -9.07
N VAL A 34 5.25 2.83 -9.01
CA VAL A 34 6.34 2.01 -8.60
C VAL A 34 7.03 2.79 -7.50
N MET A 35 7.64 2.09 -6.57
N MET A 35 7.64 2.09 -6.57
CA MET A 35 8.38 2.77 -5.54
CA MET A 35 8.38 2.77 -5.54
C MET A 35 9.53 1.90 -5.13
C MET A 35 9.53 1.90 -5.13
N ASN A 36 10.52 2.53 -4.54
CA ASN A 36 11.61 1.83 -4.04
C ASN A 36 11.23 1.38 -2.69
N THR A 37 11.58 0.14 -2.41
CA THR A 37 11.30 -0.46 -1.15
C THR A 37 12.49 -1.26 -0.78
N GLY A 38 12.51 -1.61 0.47
CA GLY A 38 13.42 -2.59 0.92
C GLY A 38 12.56 -3.78 1.19
N GLY A 39 13.16 -4.92 1.34
CA GLY A 39 12.43 -6.03 1.85
C GLY A 39 13.34 -7.10 2.32
N LYS A 40 12.82 -7.94 3.19
CA LYS A 40 13.42 -9.20 3.53
C LYS A 40 12.41 -10.23 3.01
N GLY A 41 12.89 -11.43 2.64
CA GLY A 41 12.01 -12.56 2.25
C GLY A 41 12.61 -13.91 2.60
N ASP A 55 18.09 -9.31 6.60
CA ASP A 55 18.46 -7.91 6.30
C ASP A 55 17.90 -7.48 4.94
N ILE A 56 17.70 -6.18 4.83
CA ILE A 56 16.90 -5.57 3.79
C ILE A 56 17.63 -5.41 2.46
N GLU A 57 16.98 -5.85 1.39
CA GLU A 57 17.50 -5.71 0.06
C GLU A 57 16.64 -4.67 -0.65
N ALA A 58 17.25 -3.84 -1.46
CA ALA A 58 16.50 -2.85 -2.21
C ALA A 58 15.71 -3.54 -3.30
N ASN A 59 14.44 -3.22 -3.34
CA ASN A 59 13.62 -3.70 -4.37
C ASN A 59 12.60 -2.67 -4.75
N ILE A 60 11.68 -3.03 -5.62
CA ILE A 60 10.67 -2.11 -6.05
C ILE A 60 9.34 -2.73 -5.82
N LYS A 61 8.36 -1.90 -5.52
CA LYS A 61 7.00 -2.29 -5.38
C LYS A 61 6.29 -1.59 -6.51
N PHE A 62 5.66 -2.36 -7.39
CA PHE A 62 4.70 -1.77 -8.29
C PHE A 62 3.37 -1.90 -7.68
N GLU A 63 2.54 -0.92 -7.90
CA GLU A 63 1.15 -1.04 -7.62
C GLU A 63 0.48 -0.74 -8.91
N ILE A 64 -0.28 -1.70 -9.39
CA ILE A 64 -1.00 -1.52 -10.61
C ILE A 64 -2.44 -1.67 -10.22
N LEU A 65 -3.25 -0.66 -10.50
CA LEU A 65 -4.66 -0.76 -10.30
C LEU A 65 -5.16 -1.27 -11.62
N THR A 66 -5.81 -2.40 -11.61
CA THR A 66 -6.30 -2.97 -12.84
C THR A 66 -7.79 -2.94 -12.77
N GLU A 67 -8.42 -2.80 -13.91
CA GLU A 67 -9.85 -2.70 -13.94
C GLU A 67 -10.45 -4.04 -13.49
N THR A 68 -9.79 -5.11 -13.92
CA THR A 68 -10.24 -6.44 -13.67
C THR A 68 -9.19 -7.26 -13.00
N ARG A 69 -9.66 -8.29 -12.34
CA ARG A 69 -8.82 -9.17 -11.59
C ARG A 69 -7.94 -9.91 -12.55
N GLU A 70 -8.49 -10.27 -13.70
CA GLU A 70 -7.75 -11.15 -14.57
C GLU A 70 -6.60 -10.39 -15.20
N MET A 71 -6.78 -9.08 -15.40
CA MET A 71 -5.68 -8.25 -15.90
C MET A 71 -4.57 -8.24 -14.90
N ALA A 72 -4.93 -8.14 -13.63
CA ALA A 72 -3.95 -8.16 -12.57
C ALA A 72 -3.22 -9.49 -12.59
N GLU A 73 -3.97 -10.55 -12.70
CA GLU A 73 -3.39 -11.86 -12.67
C GLU A 73 -2.58 -12.10 -13.90
N GLU A 74 -3.03 -11.59 -15.03
CA GLU A 74 -2.25 -11.65 -16.24
C GLU A 74 -0.89 -11.04 -16.02
N ILE A 75 -0.87 -9.86 -15.39
CA ILE A 75 0.35 -9.18 -15.12
C ILE A 75 1.13 -10.04 -14.17
N ALA A 76 0.48 -10.46 -13.10
CA ALA A 76 1.17 -11.23 -12.07
C ALA A 76 1.79 -12.47 -12.70
N ASP A 77 0.95 -13.20 -13.43
CA ASP A 77 1.37 -14.45 -14.05
C ASP A 77 2.51 -14.18 -14.99
N ARG A 78 2.41 -13.10 -15.73
CA ARG A 78 3.42 -12.80 -16.74
C ARG A 78 4.74 -12.48 -16.03
N VAL A 79 4.66 -11.69 -14.99
CA VAL A 79 5.86 -11.26 -14.29
C VAL A 79 6.49 -12.47 -13.61
N ALA A 80 5.65 -13.19 -12.88
CA ALA A 80 6.07 -14.32 -12.10
C ALA A 80 6.68 -15.36 -12.99
N VAL A 81 6.02 -15.67 -14.08
CA VAL A 81 6.55 -16.66 -14.97
C VAL A 81 7.86 -16.16 -15.57
N LYS A 82 7.88 -14.91 -16.03
CA LYS A 82 9.02 -14.42 -16.76
C LYS A 82 10.19 -14.19 -15.79
N TYR A 83 9.95 -13.91 -14.51
CA TYR A 83 11.03 -13.49 -13.62
C TYR A 83 11.16 -14.16 -12.28
N PHE A 84 10.11 -14.76 -11.76
CA PHE A 84 10.18 -15.10 -10.35
C PHE A 84 10.83 -16.42 -10.06
N ASN A 85 11.28 -17.11 -11.08
CA ASN A 85 12.16 -18.21 -10.80
C ASN A 85 13.56 -17.69 -10.58
N ASP A 86 13.91 -16.59 -11.21
CA ASP A 86 15.28 -16.10 -11.16
C ASP A 86 15.44 -14.91 -10.24
N TYR A 87 14.33 -14.26 -9.91
CA TYR A 87 14.36 -13.02 -9.18
C TYR A 87 13.38 -13.10 -8.07
N ALA A 88 13.76 -12.50 -6.96
CA ALA A 88 12.95 -12.40 -5.79
C ALA A 88 11.77 -11.56 -6.14
N GLY A 89 10.62 -11.93 -5.62
CA GLY A 89 9.44 -11.11 -5.84
C GLY A 89 8.24 -11.71 -5.20
N ILE A 90 7.31 -10.85 -4.84
CA ILE A 90 6.05 -11.28 -4.35
C ILE A 90 5.05 -10.45 -5.13
N ILE A 91 3.94 -11.06 -5.48
CA ILE A 91 2.88 -10.38 -6.15
C ILE A 91 1.67 -10.66 -5.36
N TYR A 92 0.93 -9.62 -5.02
CA TYR A 92 -0.27 -9.82 -4.28
C TYR A 92 -1.22 -8.81 -4.77
N ILE A 93 -2.46 -8.95 -4.35
CA ILE A 93 -3.48 -8.18 -4.95
C ILE A 93 -4.45 -7.78 -3.87
N CYS A 94 -4.87 -6.53 -3.92
CA CYS A 94 -5.79 -5.98 -2.93
C CYS A 94 -6.99 -5.50 -3.70
N SER A 95 -8.14 -5.57 -3.07
CA SER A 95 -9.30 -4.90 -3.60
CA SER A 95 -9.31 -4.90 -3.62
C SER A 95 -9.05 -3.41 -3.40
N ALA A 96 -9.35 -2.63 -4.42
CA ALA A 96 -9.31 -1.20 -4.29
C ALA A 96 -10.51 -0.70 -5.03
N GLU A 97 -10.89 0.54 -4.76
CA GLU A 97 -11.79 1.19 -5.61
C GLU A 97 -11.10 2.43 -6.01
N VAL A 98 -11.15 2.74 -7.28
CA VAL A 98 -10.62 3.98 -7.73
C VAL A 98 -11.70 5.00 -7.59
N LEU A 99 -11.41 6.11 -6.92
CA LEU A 99 -12.33 7.19 -6.80
C LEU A 99 -12.13 8.20 -7.93
N TYR A 100 -10.88 8.37 -8.31
CA TYR A 100 -10.50 9.25 -9.39
C TYR A 100 -9.29 8.69 -10.08
N GLY A 101 -9.21 8.94 -11.38
CA GLY A 101 -8.22 8.33 -12.24
C GLY A 101 -8.76 8.48 -13.64
N HIS A 102 -8.44 9.61 -14.29
CA HIS A 102 -8.84 9.91 -15.67
C HIS A 102 -8.51 8.71 -16.58
N THR A 103 -7.25 8.31 -16.53
CA THR A 103 -6.75 7.22 -17.34
C THR A 103 -7.44 5.93 -16.89
N PHE A 104 -7.49 5.67 -15.58
CA PHE A 104 -8.11 4.43 -15.08
C PHE A 104 -9.63 4.31 -15.35
N CYS A 105 -10.38 5.39 -15.16
CA CYS A 105 -11.83 5.36 -15.29
C CYS A 105 -12.34 5.94 -16.60
N GLY A 106 -11.43 6.46 -17.42
CA GLY A 106 -11.77 7.10 -18.71
C GLY A 106 -12.46 8.44 -18.52
N PRO A 107 -12.76 9.14 -19.62
CA PRO A 107 -13.69 10.28 -19.55
C PRO A 107 -15.00 9.92 -18.82
N GLU A 108 -15.44 8.66 -18.96
CA GLU A 108 -16.59 8.08 -18.22
C GLU A 108 -16.67 8.49 -16.73
N GLY A 109 -15.52 8.68 -16.08
CA GLY A 109 -15.47 8.96 -14.65
C GLY A 109 -15.56 7.67 -13.87
N CYS A 110 -15.27 7.71 -12.57
CA CYS A 110 -15.34 6.51 -11.73
C CYS A 110 -16.70 6.28 -11.10
N SER A 111 -17.70 6.98 -11.64
CA SER A 111 -19.11 6.61 -11.61
C SER A 111 -19.54 5.74 -10.43
N ALA A 112 -19.86 4.45 -10.65
CA ALA A 112 -20.35 3.52 -9.62
C ALA A 112 -20.24 4.04 -8.19
N ALA B 2 -4.49 -17.90 -5.85
CA ALA B 2 -4.22 -16.82 -4.86
C ALA B 2 -4.40 -17.31 -3.46
N LYS B 3 -3.45 -16.94 -2.61
CA LYS B 3 -3.43 -17.35 -1.23
C LYS B 3 -3.81 -16.14 -0.39
N PRO B 4 -4.91 -16.24 0.39
CA PRO B 4 -5.26 -15.13 1.25
C PRO B 4 -4.08 -14.70 2.10
N ALA B 5 -4.01 -13.41 2.33
CA ALA B 5 -2.99 -12.88 3.16
C ALA B 5 -3.54 -11.66 3.83
N ASN B 6 -2.90 -11.27 4.88
CA ASN B 6 -3.16 -9.99 5.46
C ASN B 6 -1.94 -9.18 5.16
N LYS B 7 -2.16 -7.99 4.63
CA LYS B 7 -1.09 -7.06 4.42
C LYS B 7 -1.15 -6.28 5.70
N LEU B 8 -0.22 -6.58 6.59
CA LEU B 8 -0.02 -5.81 7.78
C LEU B 8 0.84 -4.65 7.38
N VAL B 9 0.39 -3.44 7.66
CA VAL B 9 1.19 -2.28 7.38
C VAL B 9 1.51 -1.61 8.68
N ILE B 10 2.78 -1.36 8.91
CA ILE B 10 3.22 -0.69 10.08
C ILE B 10 3.91 0.57 9.60
N VAL B 11 3.36 1.73 9.89
CA VAL B 11 4.05 2.93 9.62
C VAL B 11 4.50 3.45 10.93
N THR B 12 5.78 3.68 11.06
CA THR B 12 6.29 4.08 12.30
C THR B 12 7.62 4.71 12.12
N GLU B 13 8.28 4.99 13.21
CA GLU B 13 9.47 5.78 13.10
C GLU B 13 10.58 4.93 12.56
N LYS B 14 11.38 5.56 11.73
CA LYS B 14 12.46 4.91 11.06
C LYS B 14 13.32 4.17 12.02
N ILE B 15 13.56 4.74 13.18
CA ILE B 15 14.49 4.15 14.13
C ILE B 15 14.04 2.76 14.62
N LEU B 16 12.77 2.44 14.47
CA LEU B 16 12.30 1.14 14.87
C LEU B 16 12.53 0.10 13.83
N LEU B 17 13.13 0.45 12.72
CA LEU B 17 13.17 -0.41 11.59
C LEU B 17 13.66 -1.78 11.99
N LYS B 18 14.81 -1.79 12.63
CA LYS B 18 15.46 -3.05 12.95
C LYS B 18 14.67 -3.73 14.03
N LYS B 19 14.14 -2.95 14.95
CA LYS B 19 13.38 -3.50 16.05
C LYS B 19 12.16 -4.18 15.52
N ILE B 20 11.50 -3.54 14.58
CA ILE B 20 10.32 -4.10 13.99
C ILE B 20 10.60 -5.22 13.00
N ALA B 21 11.62 -5.07 12.18
CA ALA B 21 12.03 -6.15 11.36
C ALA B 21 12.24 -7.39 12.23
N LYS B 22 12.85 -7.22 13.40
CA LYS B 22 13.11 -8.37 14.24
C LYS B 22 11.80 -9.00 14.64
N ILE B 23 10.86 -8.17 15.04
CA ILE B 23 9.58 -8.66 15.43
C ILE B 23 8.96 -9.38 14.27
N ILE B 24 9.06 -8.79 13.10
CA ILE B 24 8.48 -9.41 11.93
C ILE B 24 9.14 -10.76 11.69
N ASP B 25 10.46 -10.78 11.75
CA ASP B 25 11.17 -12.02 11.51
C ASP B 25 10.72 -13.04 12.53
N GLU B 26 10.59 -12.60 13.79
CA GLU B 26 10.26 -13.47 14.91
C GLU B 26 8.85 -13.98 14.86
N SER B 27 8.00 -13.25 14.19
CA SER B 27 6.62 -13.68 14.03
C SER B 27 6.46 -14.87 13.10
N GLY B 28 7.50 -15.18 12.34
CA GLY B 28 7.42 -16.20 11.32
C GLY B 28 6.78 -15.69 10.07
N ALA B 29 6.58 -14.38 9.98
CA ALA B 29 6.22 -13.76 8.70
C ALA B 29 7.35 -14.06 7.75
N LYS B 30 7.03 -14.33 6.49
CA LYS B 30 7.99 -14.88 5.55
C LYS B 30 8.93 -13.82 5.08
N GLY B 31 8.52 -12.59 5.29
CA GLY B 31 9.33 -11.47 4.94
C GLY B 31 8.52 -10.23 5.14
N TYR B 32 9.05 -9.13 4.65
CA TYR B 32 8.37 -7.88 4.76
C TYR B 32 8.96 -6.95 3.75
N THR B 33 8.24 -5.89 3.52
CA THR B 33 8.68 -4.87 2.63
C THR B 33 8.66 -3.65 3.47
N VAL B 34 9.69 -2.88 3.37
CA VAL B 34 9.77 -1.71 4.17
C VAL B 34 10.08 -0.59 3.19
N MET B 35 9.57 0.60 3.47
CA MET B 35 9.85 1.72 2.61
C MET B 35 9.92 2.96 3.46
N ASN B 36 10.59 3.95 2.94
CA ASN B 36 10.65 5.20 3.59
C ASN B 36 9.45 5.94 3.17
N THR B 37 8.83 6.59 4.16
CA THR B 37 7.65 7.34 3.94
C THR B 37 7.76 8.59 4.76
N GLY B 38 6.89 9.53 4.47
CA GLY B 38 6.68 10.67 5.31
C GLY B 38 5.34 10.43 5.90
N GLY B 39 5.04 11.13 6.96
CA GLY B 39 3.71 11.10 7.46
C GLY B 39 3.47 12.19 8.46
N LYS B 40 2.22 12.57 8.61
CA LYS B 40 1.78 13.43 9.68
C LYS B 40 0.85 12.56 10.50
N GLY B 41 0.72 12.85 11.80
CA GLY B 41 -0.25 12.17 12.68
C GLY B 41 -0.80 13.07 13.77
N SER B 54 6.76 20.31 6.08
CA SER B 54 7.20 20.96 7.31
C SER B 54 6.71 20.21 8.55
N ASP B 55 5.54 19.59 8.49
CA ASP B 55 5.10 18.78 9.60
C ASP B 55 5.11 17.30 9.25
N ILE B 56 5.49 16.94 8.02
CA ILE B 56 5.73 15.56 7.66
C ILE B 56 6.95 15.15 8.42
N GLU B 57 6.97 13.93 8.92
CA GLU B 57 8.17 13.34 9.49
C GLU B 57 8.52 12.11 8.68
N ALA B 58 9.80 11.81 8.56
CA ALA B 58 10.23 10.60 7.93
C ALA B 58 9.89 9.44 8.81
N ASN B 59 9.28 8.45 8.21
CA ASN B 59 9.08 7.25 8.88
C ASN B 59 9.19 6.11 7.90
N ILE B 60 8.89 4.91 8.38
CA ILE B 60 9.00 3.78 7.54
C ILE B 60 7.66 3.11 7.56
N LYS B 61 7.35 2.45 6.45
CA LYS B 61 6.17 1.68 6.30
C LYS B 61 6.67 0.29 6.07
N PHE B 62 6.33 -0.63 6.96
CA PHE B 62 6.47 -2.03 6.65
C PHE B 62 5.21 -2.54 6.07
N GLU B 63 5.33 -3.44 5.13
CA GLU B 63 4.21 -4.19 4.69
C GLU B 63 4.63 -5.61 4.90
N ILE B 64 3.86 -6.33 5.70
CA ILE B 64 4.12 -7.72 5.95
C ILE B 64 2.90 -8.47 5.51
N LEU B 65 3.09 -9.40 4.59
CA LEU B 65 2.00 -10.20 4.11
C LEU B 65 2.10 -11.38 5.03
N THR B 66 1.04 -11.62 5.77
CA THR B 66 1.05 -12.72 6.71
C THR B 66 0.06 -13.72 6.21
N GLU B 67 0.35 -14.99 6.48
CA GLU B 67 -0.51 -16.06 6.02
C GLU B 67 -1.85 -15.93 6.73
N THR B 68 -1.75 -15.56 8.00
CA THR B 68 -2.91 -15.47 8.85
C THR B 68 -3.03 -14.12 9.49
N ARG B 69 -4.25 -13.83 9.90
CA ARG B 69 -4.59 -12.59 10.51
C ARG B 69 -3.90 -12.53 11.85
N GLU B 70 -3.81 -13.66 12.51
CA GLU B 70 -3.37 -13.70 13.89
C GLU B 70 -1.87 -13.42 13.92
N MET B 71 -1.18 -13.85 12.90
CA MET B 71 0.24 -13.55 12.76
C MET B 71 0.41 -12.04 12.59
N ALA B 72 -0.45 -11.43 11.79
CA ALA B 72 -0.37 -10.02 11.54
C ALA B 72 -0.62 -9.33 12.82
N GLU B 73 -1.63 -9.78 13.55
CA GLU B 73 -1.98 -9.14 14.78
C GLU B 73 -0.90 -9.33 15.82
N GLU B 74 -0.29 -10.50 15.82
CA GLU B 74 0.81 -10.76 16.70
C GLU B 74 1.89 -9.75 16.46
N ILE B 75 2.21 -9.53 15.20
CA ILE B 75 3.22 -8.59 14.86
C ILE B 75 2.76 -7.22 15.27
N ALA B 76 1.53 -6.84 14.91
CA ALA B 76 1.01 -5.53 15.24
C ALA B 76 1.06 -5.35 16.73
N ASP B 77 0.51 -6.31 17.45
CA ASP B 77 0.42 -6.20 18.89
C ASP B 77 1.79 -6.04 19.46
N ARG B 78 2.71 -6.77 18.92
CA ARG B 78 4.01 -6.85 19.52
C ARG B 78 4.74 -5.55 19.28
N VAL B 79 4.57 -4.99 18.12
CA VAL B 79 5.20 -3.77 17.77
C VAL B 79 4.58 -2.69 18.62
N ALA B 80 3.26 -2.64 18.56
CA ALA B 80 2.51 -1.60 19.24
C ALA B 80 2.79 -1.64 20.69
N VAL B 81 2.73 -2.81 21.30
CA VAL B 81 2.93 -2.87 22.71
C VAL B 81 4.37 -2.45 23.04
N LYS B 82 5.34 -2.84 22.22
CA LYS B 82 6.72 -2.49 22.56
C LYS B 82 7.01 -1.04 22.29
N TYR B 83 6.46 -0.51 21.22
CA TYR B 83 6.94 0.75 20.70
C TYR B 83 5.97 1.84 20.60
N PHE B 84 4.68 1.54 20.53
CA PHE B 84 3.79 2.60 20.13
C PHE B 84 3.37 3.48 21.24
N ASN B 85 3.84 3.22 22.43
CA ASN B 85 3.66 4.24 23.44
C ASN B 85 4.66 5.34 23.23
N ASP B 86 5.84 4.97 22.76
CA ASP B 86 6.95 5.88 22.79
C ASP B 86 7.23 6.43 21.41
N TYR B 87 6.71 5.74 20.41
CA TYR B 87 7.03 6.03 19.05
C TYR B 87 5.77 6.11 18.28
N ALA B 88 5.76 7.06 17.38
CA ALA B 88 4.66 7.28 16.46
C ALA B 88 4.55 6.06 15.59
N GLY B 89 3.33 5.68 15.29
CA GLY B 89 3.13 4.55 14.44
C GLY B 89 1.68 4.26 14.25
N ILE B 90 1.35 3.70 13.11
CA ILE B 90 0.03 3.21 12.84
C ILE B 90 0.25 1.84 12.24
N ILE B 91 -0.63 0.91 12.59
CA ILE B 91 -0.56 -0.39 12.08
C ILE B 91 -1.92 -0.65 11.59
N TYR B 92 -2.01 -1.16 10.38
CA TYR B 92 -3.29 -1.46 9.85
C TYR B 92 -3.08 -2.64 9.00
N ILE B 93 -4.18 -3.19 8.55
CA ILE B 93 -4.11 -4.45 7.91
C ILE B 93 -5.07 -4.41 6.77
N CYS B 94 -4.65 -4.93 5.63
CA CYS B 94 -5.48 -4.99 4.43
C CYS B 94 -5.60 -6.44 4.08
N SER B 95 -6.73 -6.81 3.50
CA SER B 95 -6.83 -8.08 2.88
C SER B 95 -5.97 -8.02 1.65
N ALA B 96 -5.22 -9.08 1.42
CA ALA B 96 -4.50 -9.22 0.19
C ALA B 96 -4.66 -10.67 -0.19
N GLU B 97 -4.39 -10.95 -1.43
CA GLU B 97 -4.17 -12.30 -1.82
C GLU B 97 -2.84 -12.29 -2.49
N VAL B 98 -2.00 -13.23 -2.13
CA VAL B 98 -0.73 -13.35 -2.78
C VAL B 98 -0.95 -14.20 -3.98
N LEU B 99 -0.55 -13.70 -5.13
CA LEU B 99 -0.65 -14.45 -6.38
C LEU B 99 0.62 -15.19 -6.61
N TYR B 100 1.74 -14.57 -6.23
CA TYR B 100 3.05 -15.20 -6.32
C TYR B 100 3.90 -14.75 -5.17
N GLY B 101 4.80 -15.61 -4.73
CA GLY B 101 5.59 -15.38 -3.54
C GLY B 101 6.09 -16.75 -3.15
N HIS B 102 7.25 -17.13 -3.68
CA HIS B 102 7.88 -18.45 -3.39
C HIS B 102 7.97 -18.62 -1.88
N THR B 103 8.52 -17.62 -1.20
CA THR B 103 8.68 -17.67 0.24
C THR B 103 7.30 -17.69 0.88
N PHE B 104 6.41 -16.80 0.46
CA PHE B 104 5.11 -16.69 1.10
C PHE B 104 4.21 -17.90 0.88
N CYS B 105 4.20 -18.45 -0.33
CA CYS B 105 3.33 -19.59 -0.67
C CYS B 105 4.03 -20.96 -0.69
N GLY B 106 5.35 -20.96 -0.47
CA GLY B 106 6.15 -22.16 -0.48
C GLY B 106 6.35 -22.70 -1.89
N PRO B 107 7.14 -23.78 -2.04
CA PRO B 107 7.16 -24.50 -3.31
C PRO B 107 5.74 -24.88 -3.77
N GLU B 108 4.85 -25.13 -2.80
CA GLU B 108 3.41 -25.35 -3.02
C GLU B 108 2.76 -24.46 -4.08
N GLY B 109 3.22 -23.22 -4.19
CA GLY B 109 2.60 -22.24 -5.08
C GLY B 109 1.41 -21.63 -4.36
N CYS B 110 0.88 -20.54 -4.91
CA CYS B 110 -0.26 -19.83 -4.29
C CYS B 110 -1.59 -20.32 -4.82
N SER B 111 -1.59 -21.46 -5.53
CA SER B 111 -2.83 -22.15 -5.89
C SER B 111 -2.87 -23.62 -5.35
N ALA B 112 -2.37 -23.82 -4.14
CA ALA B 112 -2.32 -25.17 -3.51
C ALA B 112 -3.64 -25.99 -3.64
N TRP B 113 -3.74 -26.78 -4.71
CA TRP B 113 -4.94 -27.56 -4.96
C TRP B 113 -4.95 -28.83 -4.11
N ALA C 2 -9.54 -3.90 16.13
CA ALA C 2 -9.31 -3.26 14.81
C ALA C 2 -10.45 -2.35 14.43
N LYS C 3 -10.11 -1.16 13.99
CA LYS C 3 -11.07 -0.16 13.64
C LYS C 3 -11.11 -0.09 12.11
N PRO C 4 -12.27 -0.35 11.50
CA PRO C 4 -12.35 -0.21 10.05
C PRO C 4 -11.85 1.14 9.59
N ALA C 5 -11.20 1.14 8.45
CA ALA C 5 -10.70 2.35 7.91
C ALA C 5 -10.75 2.23 6.46
N ASN C 6 -10.68 3.36 5.81
CA ASN C 6 -10.48 3.38 4.40
C ASN C 6 -9.09 3.89 4.23
N LYS C 7 -8.30 3.17 3.46
CA LYS C 7 -6.96 3.63 3.11
C LYS C 7 -7.24 4.36 1.83
N LEU C 8 -7.30 5.67 1.92
CA LEU C 8 -7.41 6.51 0.76
C LEU C 8 -6.01 6.65 0.23
N VAL C 9 -5.81 6.29 -1.02
CA VAL C 9 -4.52 6.47 -1.62
C VAL C 9 -4.67 7.52 -2.67
N ILE C 10 -3.82 8.52 -2.63
CA ILE C 10 -3.76 9.51 -3.64
C ILE C 10 -2.38 9.42 -4.25
N VAL C 11 -2.28 9.02 -5.50
CA VAL C 11 -1.03 9.09 -6.19
C VAL C 11 -1.14 10.24 -7.16
N THR C 12 -0.21 11.18 -7.07
CA THR C 12 -0.33 12.34 -7.85
C THR C 12 0.99 13.01 -7.92
N GLU C 13 1.01 14.16 -8.56
CA GLU C 13 2.28 14.77 -8.80
C GLU C 13 2.88 15.28 -7.50
N LYS C 14 4.19 15.08 -7.37
CA LYS C 14 5.00 15.49 -6.24
C LYS C 14 4.65 16.92 -5.82
N ILE C 15 4.49 17.79 -6.80
CA ILE C 15 4.28 19.19 -6.53
C ILE C 15 3.06 19.43 -5.71
N LEU C 16 2.11 18.52 -5.76
CA LEU C 16 0.89 18.71 -5.00
C LEU C 16 1.02 18.32 -3.56
N LEU C 17 2.20 17.89 -3.15
CA LEU C 17 2.34 17.31 -1.84
C LEU C 17 1.78 18.18 -0.75
N LYS C 18 2.24 19.41 -0.72
CA LYS C 18 1.84 20.31 0.30
C LYS C 18 0.36 20.62 0.11
N LYS C 19 -0.05 20.74 -1.14
CA LYS C 19 -1.41 21.13 -1.42
C LYS C 19 -2.39 20.07 -0.97
N ILE C 20 -2.03 18.84 -1.23
CA ILE C 20 -2.85 17.72 -0.81
C ILE C 20 -2.77 17.47 0.68
N ALA C 21 -1.58 17.58 1.23
CA ALA C 21 -1.44 17.47 2.65
C ALA C 21 -2.40 18.45 3.29
N LYS C 22 -2.52 19.64 2.73
CA LYS C 22 -3.38 20.64 3.34
C LYS C 22 -4.81 20.17 3.32
N ILE C 23 -5.19 19.61 2.20
CA ILE C 23 -6.52 19.07 2.08
C ILE C 23 -6.72 17.97 3.09
N ILE C 24 -5.75 17.09 3.18
CA ILE C 24 -5.85 15.98 4.10
C ILE C 24 -6.00 16.53 5.50
N ASP C 25 -5.16 17.50 5.85
CA ASP C 25 -5.17 18.08 7.20
C ASP C 25 -6.50 18.72 7.48
N GLU C 26 -7.00 19.42 6.47
CA GLU C 26 -8.29 20.07 6.56
C GLU C 26 -9.46 19.11 6.66
N SER C 27 -9.33 17.91 6.10
CA SER C 27 -10.41 16.93 6.10
C SER C 27 -10.67 16.36 7.48
N GLY C 28 -9.75 16.62 8.40
CA GLY C 28 -9.84 16.03 9.70
C GLY C 28 -9.39 14.60 9.68
N ALA C 29 -8.77 14.17 8.58
CA ALA C 29 -8.05 12.93 8.58
C ALA C 29 -6.97 13.08 9.60
N LYS C 30 -6.71 12.01 10.34
CA LYS C 30 -5.86 12.10 11.52
C LYS C 30 -4.39 12.14 11.14
N GLY C 31 -4.10 11.77 9.92
CA GLY C 31 -2.78 11.89 9.42
C GLY C 31 -2.76 11.30 8.06
N TYR C 32 -1.55 11.13 7.56
CA TYR C 32 -1.40 10.55 6.28
C TYR C 32 0.01 10.12 6.19
N THR C 33 0.24 9.29 5.22
CA THR C 33 1.55 8.80 4.97
C THR C 33 1.75 9.17 3.55
N VAL C 34 2.92 9.65 3.25
CA VAL C 34 3.18 10.07 1.92
C VAL C 34 4.50 9.43 1.57
N MET C 35 4.64 9.09 0.32
N MET C 35 4.66 9.08 0.31
CA MET C 35 5.87 8.49 -0.13
CA MET C 35 5.81 8.32 -0.13
C MET C 35 6.12 8.91 -1.53
C MET C 35 6.11 8.91 -1.49
N ASN C 36 7.37 8.86 -1.91
CA ASN C 36 7.72 9.16 -3.25
C ASN C 36 7.52 7.90 -4.03
N THR C 37 6.94 8.04 -5.21
CA THR C 37 6.71 6.92 -6.08
C THR C 37 7.02 7.36 -7.46
N GLY C 38 7.15 6.41 -8.34
CA GLY C 38 7.17 6.69 -9.73
C GLY C 38 5.84 6.22 -10.23
N GLY C 39 5.48 6.64 -11.42
CA GLY C 39 4.36 6.03 -12.05
C GLY C 39 4.33 6.37 -13.50
N LYS C 40 3.67 5.52 -14.26
CA LYS C 40 3.16 5.87 -15.56
C LYS C 40 1.65 5.89 -15.27
N GLY C 41 0.87 6.59 -16.09
CA GLY C 41 -0.58 6.72 -15.87
C GLY C 41 -1.42 6.90 -17.13
N ILE C 56 8.52 6.71 -16.50
CA ILE C 56 8.09 6.86 -15.11
C ILE C 56 8.33 8.30 -14.66
N GLU C 57 7.31 8.91 -14.07
CA GLU C 57 7.41 10.25 -13.53
C GLU C 57 7.40 10.13 -12.00
N ALA C 58 8.16 10.97 -11.30
CA ALA C 58 8.17 11.00 -9.84
C ALA C 58 6.89 11.62 -9.36
N ASN C 59 6.23 10.89 -8.52
CA ASN C 59 5.04 11.40 -7.98
C ASN C 59 5.01 11.02 -6.53
N ILE C 60 3.92 11.32 -5.87
CA ILE C 60 3.79 10.97 -4.48
C ILE C 60 2.54 10.18 -4.30
N LYS C 61 2.59 9.30 -3.34
CA LYS C 61 1.46 8.50 -2.94
C LYS C 61 1.17 8.93 -1.53
N PHE C 62 -0.01 9.49 -1.30
CA PHE C 62 -0.51 9.63 0.05
C PHE C 62 -1.29 8.41 0.37
N GLU C 63 -1.20 7.99 1.61
CA GLU C 63 -2.12 7.02 2.12
C GLU C 63 -2.72 7.69 3.31
N ILE C 64 -4.02 7.85 3.28
CA ILE C 64 -4.72 8.45 4.36
C ILE C 64 -5.69 7.38 4.83
N LEU C 65 -5.60 7.04 6.08
CA LEU C 65 -6.53 6.11 6.68
C LEU C 65 -7.58 7.01 7.23
N THR C 66 -8.81 6.84 6.79
CA THR C 66 -9.86 7.68 7.26
C THR C 66 -10.81 6.80 8.02
N GLU C 67 -11.46 7.38 9.01
CA GLU C 67 -12.34 6.62 9.88
C GLU C 67 -13.52 6.20 9.08
N THR C 68 -13.94 7.07 8.18
CA THR C 68 -15.11 6.82 7.38
C THR C 68 -14.78 6.93 5.93
N ARG C 69 -15.63 6.29 5.15
CA ARG C 69 -15.54 6.30 3.72
C ARG C 69 -15.79 7.70 3.19
N GLU C 70 -16.71 8.42 3.81
CA GLU C 70 -17.14 9.71 3.32
C GLU C 70 -15.99 10.73 3.50
N MET C 71 -15.20 10.56 4.56
CA MET C 71 -14.06 11.42 4.78
C MET C 71 -13.07 11.17 3.67
N ALA C 72 -12.89 9.91 3.32
CA ALA C 72 -11.94 9.57 2.31
C ALA C 72 -12.40 10.16 1.03
N GLU C 73 -13.69 10.04 0.76
CA GLU C 73 -14.23 10.55 -0.47
C GLU C 73 -14.22 12.06 -0.49
N GLU C 74 -14.49 12.67 0.64
CA GLU C 74 -14.37 14.10 0.75
C GLU C 74 -12.95 14.55 0.34
N ILE C 75 -11.94 13.85 0.85
CA ILE C 75 -10.59 14.18 0.54
C ILE C 75 -10.42 13.96 -0.93
N ALA C 76 -10.82 12.77 -1.39
CA ALA C 76 -10.59 12.39 -2.75
C ALA C 76 -11.23 13.42 -3.64
N ASP C 77 -12.50 13.71 -3.36
CA ASP C 77 -13.25 14.64 -4.16
C ASP C 77 -12.59 15.97 -4.14
N ARG C 78 -12.13 16.37 -2.99
CA ARG C 78 -11.54 17.66 -2.87
C ARG C 78 -10.24 17.75 -3.64
N VAL C 79 -9.43 16.74 -3.55
CA VAL C 79 -8.15 16.72 -4.21
C VAL C 79 -8.38 16.66 -5.71
N ALA C 80 -9.21 15.69 -6.09
CA ALA C 80 -9.50 15.43 -7.47
C ALA C 80 -10.08 16.67 -8.10
N VAL C 81 -11.03 17.28 -7.44
CA VAL C 81 -11.63 18.48 -8.02
C VAL C 81 -10.55 19.56 -8.10
N LYS C 82 -9.80 19.74 -7.03
CA LYS C 82 -8.92 20.88 -6.96
C LYS C 82 -7.73 20.67 -7.87
N TYR C 83 -7.34 19.42 -8.12
CA TYR C 83 -6.10 19.17 -8.84
C TYR C 83 -6.11 18.21 -9.99
N PHE C 84 -7.06 17.33 -10.09
CA PHE C 84 -6.88 16.25 -11.04
C PHE C 84 -7.32 16.52 -12.41
N ASN C 85 -7.86 17.69 -12.65
CA ASN C 85 -8.12 18.03 -14.00
C ASN C 85 -6.87 18.70 -14.55
N ASP C 86 -5.94 19.13 -13.68
CA ASP C 86 -4.71 19.78 -14.11
C ASP C 86 -3.43 18.98 -13.85
N TYR C 87 -3.53 18.01 -12.96
CA TYR C 87 -2.40 17.26 -12.50
C TYR C 87 -2.76 15.84 -12.54
N ALA C 88 -1.77 15.04 -12.88
CA ALA C 88 -1.92 13.62 -12.93
C ALA C 88 -2.21 13.17 -11.53
N GLY C 89 -3.08 12.21 -11.40
CA GLY C 89 -3.34 11.65 -10.10
C GLY C 89 -4.40 10.59 -10.15
N ILE C 90 -4.26 9.62 -9.26
CA ILE C 90 -5.24 8.60 -9.15
C ILE C 90 -5.52 8.61 -7.65
N ILE C 91 -6.78 8.40 -7.31
CA ILE C 91 -7.17 8.26 -5.94
C ILE C 91 -7.89 6.98 -5.91
N TYR C 92 -7.54 6.16 -4.96
CA TYR C 92 -8.27 4.95 -4.78
C TYR C 92 -8.33 4.69 -3.31
N ILE C 93 -9.14 3.72 -2.95
CA ILE C 93 -9.44 3.54 -1.60
C ILE C 93 -9.46 2.06 -1.35
N CYS C 94 -8.84 1.65 -0.26
CA CYS C 94 -8.75 0.25 0.12
C CYS C 94 -9.43 0.14 1.47
N SER C 95 -10.02 -1.01 1.73
CA SER C 95 -10.45 -1.32 3.05
C SER C 95 -9.22 -1.61 3.85
N ALA C 96 -9.18 -1.05 5.05
CA ALA C 96 -8.09 -1.35 5.97
C ALA C 96 -8.73 -1.47 7.30
N GLU C 97 -8.02 -2.09 8.22
CA GLU C 97 -8.42 -1.99 9.59
C GLU C 97 -7.22 -1.53 10.30
N VAL C 98 -7.40 -0.54 11.13
CA VAL C 98 -6.30 -0.03 11.86
C VAL C 98 -6.26 -0.85 13.08
N LEU C 99 -5.12 -1.42 13.37
CA LEU C 99 -4.94 -2.15 14.59
C LEU C 99 -4.45 -1.24 15.66
N TYR C 100 -3.63 -0.29 15.29
CA TYR C 100 -3.06 0.66 16.22
C TYR C 100 -2.86 1.94 15.50
N GLY C 101 -2.99 3.03 16.22
CA GLY C 101 -2.94 4.34 15.64
C GLY C 101 -3.58 5.22 16.67
N HIS C 102 -2.75 5.74 17.58
CA HIS C 102 -3.20 6.66 18.63
C HIS C 102 -4.04 7.75 18.05
N THR C 103 -3.47 8.40 17.05
CA THR C 103 -4.10 9.53 16.43
C THR C 103 -5.35 9.01 15.71
N PHE C 104 -5.23 7.93 14.95
CA PHE C 104 -6.38 7.41 14.20
C PHE C 104 -7.54 6.87 15.05
N CYS C 105 -7.22 6.15 16.12
CA CYS C 105 -8.26 5.54 16.93
C CYS C 105 -8.57 6.32 18.17
N GLY C 106 -7.84 7.41 18.41
CA GLY C 106 -7.99 8.23 19.61
C GLY C 106 -7.48 7.55 20.86
N PRO C 107 -7.54 8.25 22.01
CA PRO C 107 -7.35 7.56 23.30
C PRO C 107 -8.25 6.31 23.41
N GLU C 108 -9.45 6.37 22.81
CA GLU C 108 -10.39 5.24 22.67
C GLU C 108 -9.71 3.87 22.35
N GLY C 109 -8.61 3.89 21.59
CA GLY C 109 -7.94 2.66 21.14
C GLY C 109 -8.67 2.14 19.92
N CYS C 110 -8.08 1.16 19.22
CA CYS C 110 -8.73 0.57 18.04
C CYS C 110 -9.61 -0.63 18.36
N SER C 111 -9.95 -0.79 19.65
CA SER C 111 -11.09 -1.61 20.09
C SER C 111 -10.88 -2.98 19.49
N ALA C 112 -9.78 -3.64 19.87
CA ALA C 112 -9.43 -4.97 19.32
C ALA C 112 -10.60 -5.98 19.22
N TRP C 113 -11.68 -5.72 19.98
CA TRP C 113 -12.87 -6.57 20.06
C TRP C 113 -14.06 -6.12 19.21
N SER C 114 -13.84 -5.14 18.31
CA SER C 114 -14.83 -4.54 17.37
C SER C 114 -14.75 -3.01 17.42
PB ADP D . 13.95 -12.92 -0.85
O1B ADP D . 13.96 -11.45 -0.41
O2B ADP D . 15.15 -13.28 -1.69
O3B ADP D . 13.67 -13.97 0.22
PA ADP D . 11.27 -13.39 -1.85
O1A ADP D . 10.89 -14.26 -3.05
O2A ADP D . 10.93 -13.88 -0.47
O3A ADP D . 12.84 -13.12 -1.99
O5' ADP D . 10.63 -11.92 -1.97
C5' ADP D . 11.35 -10.74 -2.33
C4' ADP D . 10.72 -9.50 -1.74
O4' ADP D . 9.29 -9.64 -1.66
C3' ADP D . 11.15 -9.22 -0.31
O3' ADP D . 12.48 -8.66 -0.23
C2' ADP D . 10.00 -8.35 0.18
O2' ADP D . 10.03 -6.97 -0.21
C1' ADP D . 8.81 -8.96 -0.50
N9 ADP D . 8.22 -9.95 0.41
C8 ADP D . 8.50 -11.26 0.51
N7 ADP D . 7.73 -11.84 1.48
C5 ADP D . 6.97 -10.87 1.99
C6 ADP D . 5.95 -10.77 3.02
N6 ADP D . 5.57 -11.84 3.72
N1 ADP D . 5.41 -9.56 3.22
C2 ADP D . 5.75 -8.45 2.53
N3 ADP D . 6.66 -8.46 1.59
C4 ADP D . 7.29 -9.63 1.29
PB ADP E . 2.57 11.57 14.97
O1B ADP E . 3.18 11.50 13.56
O2B ADP E . 3.58 11.69 16.09
O3B ADP E . 1.38 12.51 15.17
PA ADP E . 1.02 8.99 14.80
O1A ADP E . -0.37 9.60 14.71
O2A ADP E . 1.32 7.84 15.79
O3A ADP E . 2.04 10.10 15.40
O5' ADP E . 1.40 8.66 13.29
C5' ADP E . 2.71 8.26 12.90
C4' ADP E . 2.75 8.01 11.42
O4' ADP E . 1.75 7.10 11.05
C3' ADP E . 2.48 9.26 10.61
O3' ADP E . 3.65 10.00 10.31
C2' ADP E . 1.95 8.71 9.33
O2' ADP E . 3.01 8.26 8.45
C1' ADP E . 1.18 7.53 9.81
N9 ADP E . -0.23 7.90 10.00
C8 ADP E . -0.81 8.38 11.11
N7 ADP E . -2.13 8.58 10.92
C5 ADP E . -2.40 8.19 9.67
C6 ADP E . -3.60 8.13 8.87
N6 ADP E . -4.78 8.54 9.39
N1 ADP E . -3.47 7.67 7.61
C2 ADP E . -2.28 7.28 7.14
N3 ADP E . -1.15 7.31 7.84
C4 ADP E . -1.16 7.76 9.08
PG ATP F . 2.27 9.71 -15.65
O1G ATP F . 2.21 9.16 -17.07
O2G ATP F . 2.71 8.69 -14.64
O3G ATP F . 3.01 11.03 -15.48
PB ATP F . -0.45 10.36 -16.22
O1B ATP F . -0.28 11.73 -16.83
O2B ATP F . -0.73 9.22 -17.17
O3B ATP F . 0.76 10.05 -15.20
PA ATP F . -2.56 9.52 -14.37
O1A ATP F . -3.11 8.47 -15.31
O2A ATP F . -3.55 10.35 -13.59
O3A ATP F . -1.63 10.60 -15.13
O5' ATP F . -1.63 8.82 -13.27
C5' ATP F . -1.00 9.56 -12.22
C4' ATP F . -0.15 8.59 -11.43
O4' ATP F . -1.04 7.82 -10.65
C3' ATP F . 0.62 7.58 -12.27
O3' ATP F . 1.92 7.96 -12.69
C2' ATP F . 0.73 6.45 -11.32
O2' ATP F . 1.76 6.74 -10.38
C1' ATP F . -0.62 6.47 -10.67
N9 ATP F . -1.52 5.63 -11.49
C8 ATP F . -2.33 6.00 -12.53
N7 ATP F . -2.98 4.93 -13.05
C5 ATP F . -2.60 3.86 -12.32
C6 ATP F . -2.91 2.44 -12.31
N6 ATP F . -3.76 1.96 -13.18
N1 ATP F . -2.29 1.65 -11.41
C2 ATP F . -1.42 2.17 -10.51
N3 ATP F . -1.08 3.47 -10.44
C4 ATP F . -1.63 4.32 -11.31
#